data_4MJ7
#
_entry.id   4MJ7
#
_cell.length_a   91.427
_cell.length_b   91.427
_cell.length_c   92.260
_cell.angle_alpha   90.00
_cell.angle_beta   90.00
_cell.angle_gamma   120.00
#
_symmetry.space_group_name_H-M   'P 32 2 1'
#
loop_
_entity.id
_entity.type
_entity.pdbx_description
1 polymer 'rRNA-processing protein UTP23'
2 non-polymer 'ZINC ION'
3 water water
#
_entity_poly.entity_id   1
_entity_poly.type   'polypeptide(L)'
_entity_poly.pdbx_seq_one_letter_code
;MRQKRAKSYRKQLLVYSHTFKFREPYQVLVDNQLVLECNNSNFNLPSGLKRTLQADVKVMITQCCIQALYETRNDGAINL
AKQFERRRCNHSFKDPKSPAECIESVVNISGANKHRYVVASQDIDLRRKLRTVPGVPLIHLTRSVMVMEPLSTASAKAS
;
_entity_poly.pdbx_strand_id   A,B
#
# COMPACT_ATOMS: atom_id res chain seq x y z
N GLN A 3 -7.06 0.94 15.02
CA GLN A 3 -7.04 1.30 16.44
C GLN A 3 -6.19 0.35 17.25
N LYS A 4 -6.10 -0.90 16.79
CA LYS A 4 -5.13 -1.83 17.35
C LYS A 4 -3.80 -1.08 17.43
N ARG A 5 -3.57 -0.25 16.42
CA ARG A 5 -2.39 0.63 16.38
C ARG A 5 -2.59 1.90 17.22
N ALA A 6 -3.65 2.66 16.95
CA ALA A 6 -3.92 3.87 17.72
C ALA A 6 -3.66 3.62 19.20
N LYS A 7 -4.14 2.49 19.69
CA LYS A 7 -3.91 2.07 21.07
C LYS A 7 -2.42 1.91 21.37
N SER A 8 -1.74 1.14 20.54
CA SER A 8 -0.32 0.88 20.74
C SER A 8 0.50 2.17 20.65
N TYR A 9 0.21 2.97 19.63
CA TYR A 9 0.92 4.21 19.38
C TYR A 9 0.71 5.22 20.51
N ARG A 10 -0.48 5.20 21.10
CA ARG A 10 -0.77 6.07 22.23
C ARG A 10 0.25 5.86 23.33
N LYS A 11 0.54 4.59 23.64
CA LYS A 11 1.47 4.26 24.73
C LYS A 11 2.91 4.62 24.35
N GLN A 12 3.19 4.59 23.06
CA GLN A 12 4.52 4.96 22.61
C GLN A 12 4.73 6.48 22.70
N LEU A 13 3.74 7.25 22.25
CA LEU A 13 3.82 8.69 22.34
C LEU A 13 3.99 9.14 23.80
N LEU A 14 3.48 8.35 24.72
CA LEU A 14 3.53 8.72 26.14
C LEU A 14 4.96 8.91 26.60
N VAL A 15 5.85 8.01 26.21
CA VAL A 15 7.24 8.15 26.59
C VAL A 15 7.94 9.32 25.87
N TYR A 16 7.61 9.54 24.61
CA TYR A 16 8.20 10.66 23.89
C TYR A 16 7.80 11.96 24.55
N SER A 17 6.58 12.05 25.05
CA SER A 17 6.16 13.27 25.73
C SER A 17 6.66 13.30 27.16
N HIS A 18 6.62 12.14 27.82
CA HIS A 18 7.03 12.05 29.22
C HIS A 18 8.53 12.26 29.37
N THR A 19 9.32 11.39 28.76
CA THR A 19 10.76 11.48 28.92
C THR A 19 11.45 12.43 27.93
N PHE A 20 10.87 12.64 26.76
CA PHE A 20 11.56 13.49 25.79
C PHE A 20 10.94 14.86 25.54
N LYS A 21 9.74 15.08 26.05
CA LYS A 21 9.12 16.39 26.02
C LYS A 21 8.62 16.76 24.63
N PHE A 22 8.25 15.75 23.86
CA PHE A 22 7.57 15.96 22.58
C PHE A 22 6.19 16.53 22.84
N ARG A 23 5.80 17.51 22.03
CA ARG A 23 4.54 18.24 22.23
C ARG A 23 3.84 18.52 20.94
N GLU A 24 2.54 18.35 20.91
CA GLU A 24 1.77 18.84 19.76
C GLU A 24 2.07 20.33 19.66
N PRO A 25 2.36 20.83 18.45
CA PRO A 25 2.33 20.06 17.20
C PRO A 25 3.67 19.43 16.85
N TYR A 26 3.61 18.19 16.41
CA TYR A 26 4.81 17.43 16.16
C TYR A 26 5.55 17.94 14.96
N GLN A 27 6.87 17.97 15.10
CA GLN A 27 7.76 18.49 14.09
C GLN A 27 8.21 17.28 13.29
N VAL A 28 7.61 17.07 12.13
CA VAL A 28 7.98 15.89 11.35
C VAL A 28 8.72 16.22 10.06
N LEU A 29 9.92 15.63 9.95
CA LEU A 29 10.73 15.69 8.76
C LEU A 29 10.29 14.58 7.82
N VAL A 30 10.05 14.95 6.59
CA VAL A 30 9.54 14.03 5.61
C VAL A 30 10.61 13.97 4.53
N ASP A 31 11.16 12.77 4.29
CA ASP A 31 12.22 12.68 3.30
C ASP A 31 11.69 12.55 1.85
N ASN A 32 12.60 12.54 0.88
CA ASN A 32 12.20 12.66 -0.51
C ASN A 32 11.56 11.37 -1.02
N GLN A 33 12.04 10.23 -0.56
CA GLN A 33 11.47 8.96 -0.96
C GLN A 33 10.01 8.87 -0.53
N LEU A 34 9.75 9.16 0.74
CA LEU A 34 8.39 9.11 1.23
C LEU A 34 7.44 9.99 0.42
N VAL A 35 7.87 11.20 0.10
CA VAL A 35 6.98 12.09 -0.62
C VAL A 35 6.66 11.48 -1.98
N LEU A 36 7.71 10.94 -2.60
CA LEU A 36 7.66 10.41 -3.95
C LEU A 36 6.64 9.30 -4.00
N GLU A 37 6.76 8.37 -3.06
CA GLU A 37 5.89 7.22 -2.96
C GLU A 37 4.48 7.57 -2.55
N CYS A 38 4.28 8.69 -1.87
CA CYS A 38 2.95 9.06 -1.44
C CYS A 38 2.24 9.72 -2.61
N ASN A 39 3.01 10.29 -3.51
CA ASN A 39 2.46 10.86 -4.72
C ASN A 39 2.06 9.76 -5.69
N ASN A 40 2.96 8.81 -5.89
CA ASN A 40 2.69 7.66 -6.73
C ASN A 40 1.59 6.71 -6.18
N SER A 41 1.38 6.70 -4.85
CA SER A 41 0.31 5.89 -4.23
C SER A 41 -0.97 6.67 -4.01
N ASN A 42 -0.89 7.98 -4.18
CA ASN A 42 -2.01 8.84 -3.86
C ASN A 42 -2.42 8.77 -2.39
N PHE A 43 -1.47 8.35 -1.56
CA PHE A 43 -1.61 8.36 -0.11
C PHE A 43 -1.47 9.78 0.41
N ASN A 44 -2.45 10.21 1.20
CA ASN A 44 -2.47 11.55 1.77
C ASN A 44 -1.44 11.62 2.89
N LEU A 45 -0.27 12.18 2.58
CA LEU A 45 0.82 12.18 3.54
C LEU A 45 0.49 13.01 4.79
N PRO A 46 0.05 14.25 4.61
CA PRO A 46 -0.26 15.08 5.78
C PRO A 46 -1.33 14.47 6.65
N SER A 47 -2.36 13.86 6.06
CA SER A 47 -3.42 13.22 6.83
C SER A 47 -2.89 11.99 7.54
N GLY A 48 -2.07 11.22 6.86
CA GLY A 48 -1.49 10.03 7.46
C GLY A 48 -0.70 10.34 8.71
N LEU A 49 0.27 11.25 8.60
CA LEU A 49 1.03 11.69 9.75
C LEU A 49 0.14 12.20 10.92
N LYS A 50 -0.86 13.02 10.59
CA LYS A 50 -1.73 13.59 11.62
C LYS A 50 -2.46 12.48 12.38
N ARG A 51 -2.79 11.41 11.67
CA ARG A 51 -3.50 10.30 12.25
C ARG A 51 -2.56 9.49 13.14
N THR A 52 -1.42 9.07 12.60
CA THR A 52 -0.57 8.14 13.34
C THR A 52 -0.01 8.78 14.62
N LEU A 53 0.28 10.07 14.57
CA LEU A 53 0.80 10.79 15.71
C LEU A 53 -0.32 11.27 16.66
N GLN A 54 -1.56 11.14 16.23
CA GLN A 54 -2.65 11.46 17.14
C GLN A 54 -2.56 12.88 17.65
N ALA A 55 -2.33 13.83 16.74
CA ALA A 55 -2.20 15.25 17.10
C ALA A 55 -1.86 16.07 15.87
N ASP A 56 -1.97 17.39 15.95
CA ASP A 56 -1.64 18.23 14.82
C ASP A 56 -0.13 18.17 14.57
N VAL A 57 0.28 18.31 13.31
CA VAL A 57 1.69 18.17 12.97
C VAL A 57 2.12 19.28 12.03
N LYS A 58 3.36 19.71 12.17
CA LYS A 58 3.92 20.61 11.19
C LYS A 58 4.81 19.79 10.27
N VAL A 59 4.37 19.61 9.03
CA VAL A 59 5.12 18.77 8.10
C VAL A 59 6.13 19.59 7.33
N MET A 60 7.39 19.17 7.44
CA MET A 60 8.51 19.91 6.89
C MET A 60 9.37 19.03 6.01
N ILE A 61 10.12 19.66 5.11
CA ILE A 61 11.12 18.95 4.35
C ILE A 61 12.35 19.83 4.20
N THR A 62 13.53 19.25 4.40
CA THR A 62 14.76 20.01 4.25
C THR A 62 15.01 20.38 2.79
N GLN A 63 15.82 21.40 2.58
CA GLN A 63 16.12 21.87 1.26
C GLN A 63 16.83 20.78 0.51
N CYS A 64 17.73 20.07 1.19
CA CYS A 64 18.39 18.93 0.53
C CYS A 64 17.42 17.86 0.00
N CYS A 65 16.36 17.58 0.77
CA CYS A 65 15.40 16.58 0.36
C CYS A 65 14.63 17.10 -0.84
N ILE A 66 14.24 18.37 -0.84
CA ILE A 66 13.48 18.84 -1.97
C ILE A 66 14.32 18.99 -3.22
N GLN A 67 15.61 19.27 -3.06
CA GLN A 67 16.44 19.39 -4.24
C GLN A 67 16.57 18.04 -4.95
N ALA A 68 16.57 16.96 -4.17
CA ALA A 68 16.64 15.63 -4.76
C ALA A 68 15.38 15.40 -5.58
N LEU A 69 14.25 15.79 -5.01
CA LEU A 69 12.99 15.71 -5.74
C LEU A 69 13.04 16.45 -7.06
N TYR A 70 13.52 17.69 -7.04
CA TYR A 70 13.67 18.44 -8.28
C TYR A 70 14.35 17.62 -9.37
N GLU A 71 15.43 16.91 -9.03
CA GLU A 71 16.18 16.16 -10.01
C GLU A 71 15.40 14.98 -10.61
N THR A 72 14.42 14.45 -9.88
CA THR A 72 13.65 13.32 -10.40
C THR A 72 12.73 13.80 -11.49
N ARG A 73 12.56 15.12 -11.55
CA ARG A 73 11.66 15.76 -12.52
C ARG A 73 10.25 15.16 -12.51
N ASN A 74 9.88 14.63 -11.37
CA ASN A 74 8.53 14.16 -11.15
C ASN A 74 7.67 15.31 -10.59
N ASP A 75 6.97 15.99 -11.48
CA ASP A 75 6.27 17.23 -11.11
C ASP A 75 5.19 17.09 -10.04
N GLY A 76 4.58 15.92 -9.95
CA GLY A 76 3.55 15.73 -8.95
C GLY A 76 4.14 15.70 -7.57
N ALA A 77 5.17 14.87 -7.38
CA ALA A 77 5.85 14.78 -6.09
C ALA A 77 6.45 16.15 -5.73
N ILE A 78 7.15 16.74 -6.68
CA ILE A 78 7.74 18.05 -6.48
C ILE A 78 6.71 19.01 -5.91
N ASN A 79 5.57 19.13 -6.58
CA ASN A 79 4.50 20.02 -6.11
C ASN A 79 3.85 19.62 -4.81
N LEU A 80 3.89 18.34 -4.49
CA LEU A 80 3.42 17.90 -3.21
C LEU A 80 4.37 18.46 -2.16
N ALA A 81 5.66 18.22 -2.36
CA ALA A 81 6.67 18.73 -1.44
C ALA A 81 6.54 20.24 -1.26
N LYS A 82 6.31 20.96 -2.35
CA LYS A 82 6.28 22.42 -2.27
C LYS A 82 5.20 22.93 -1.34
N GLN A 83 4.31 22.06 -0.92
CA GLN A 83 3.24 22.53 -0.09
C GLN A 83 3.64 22.36 1.38
N PHE A 84 4.84 21.83 1.61
CA PHE A 84 5.28 21.59 2.99
C PHE A 84 6.07 22.77 3.51
N GLU A 85 6.25 22.84 4.82
CA GLU A 85 7.08 23.91 5.32
C GLU A 85 8.54 23.56 5.00
N ARG A 86 9.31 24.52 4.51
CA ARG A 86 10.69 24.23 4.18
C ARG A 86 11.54 24.27 5.44
N ARG A 87 12.34 23.24 5.64
CA ARG A 87 13.33 23.29 6.71
C ARG A 87 14.63 23.71 6.06
N ARG A 88 15.07 24.94 6.30
CA ARG A 88 16.35 25.41 5.80
C ARG A 88 17.48 24.74 6.54
N CYS A 89 18.38 24.15 5.77
CA CYS A 89 19.64 23.64 6.31
C CYS A 89 20.70 24.51 5.70
N ASN A 90 21.93 24.43 6.19
CA ASN A 90 22.95 25.26 5.58
C ASN A 90 23.89 24.34 4.83
N HIS A 91 23.33 23.71 3.81
CA HIS A 91 24.04 22.73 3.03
C HIS A 91 24.15 23.28 1.63
N SER A 92 25.28 23.01 0.99
CA SER A 92 25.72 23.82 -0.13
C SER A 92 26.42 23.01 -1.19
N PHE A 93 27.10 23.74 -2.08
CA PHE A 93 28.11 23.16 -2.94
C PHE A 93 29.38 23.15 -2.09
N LYS A 94 29.39 23.99 -1.06
CA LYS A 94 30.47 24.05 -0.09
C LYS A 94 30.36 22.88 0.89
N ASP A 95 29.22 22.75 1.56
CA ASP A 95 28.94 21.57 2.40
C ASP A 95 27.76 20.79 1.83
N PRO A 96 28.04 19.94 0.81
CA PRO A 96 27.02 19.17 0.10
C PRO A 96 26.60 17.91 0.85
N LYS A 97 25.31 17.61 0.82
CA LYS A 97 24.81 16.42 1.52
C LYS A 97 23.68 15.71 0.77
N SER A 98 23.66 14.39 0.84
CA SER A 98 22.51 13.61 0.36
C SER A 98 21.36 13.82 1.35
N PRO A 99 20.12 13.60 0.88
CA PRO A 99 18.93 13.63 1.75
C PRO A 99 19.16 12.89 3.09
N ALA A 100 19.61 11.64 3.02
CA ALA A 100 19.93 10.90 4.24
C ALA A 100 20.94 11.62 5.15
N GLU A 101 22.04 12.10 4.59
CA GLU A 101 23.03 12.75 5.43
C GLU A 101 22.48 14.06 5.96
N CYS A 102 21.70 14.76 5.13
CA CYS A 102 21.02 15.98 5.56
C CYS A 102 20.14 15.75 6.78
N ILE A 103 19.24 14.77 6.71
CA ILE A 103 18.32 14.57 7.81
C ILE A 103 19.08 14.17 9.06
N GLU A 104 20.11 13.37 8.88
CA GLU A 104 20.83 12.87 10.03
C GLU A 104 21.59 13.96 10.78
N SER A 105 22.07 14.96 10.04
CA SER A 105 22.91 16.01 10.62
C SER A 105 22.02 16.99 11.35
N VAL A 106 20.74 16.91 11.01
CA VAL A 106 19.74 17.85 11.52
C VAL A 106 18.97 17.22 12.68
N VAL A 107 18.93 15.89 12.71
CA VAL A 107 18.25 15.16 13.77
C VAL A 107 19.22 14.72 14.86
N ASN A 108 20.39 14.22 14.45
CA ASN A 108 21.42 13.75 15.38
C ASN A 108 22.37 14.86 15.76
N ILE A 109 22.14 15.48 16.90
CA ILE A 109 22.99 16.56 17.32
C ILE A 109 23.76 16.15 18.58
N SER A 110 25.04 15.86 18.36
CA SER A 110 25.92 15.41 19.42
C SER A 110 25.29 14.26 20.18
N GLY A 111 24.53 13.42 19.47
CA GLY A 111 24.01 12.20 20.05
C GLY A 111 22.59 12.33 20.56
N ALA A 112 22.01 13.52 20.42
CA ALA A 112 20.67 13.81 20.93
C ALA A 112 19.76 14.52 19.91
N ASN A 113 18.48 14.16 19.91
CA ASN A 113 17.51 14.80 19.01
C ASN A 113 17.10 16.14 19.58
N LYS A 114 18.00 17.11 19.47
CA LYS A 114 17.86 18.40 20.12
C LYS A 114 16.59 19.16 19.74
N HIS A 115 16.14 19.00 18.49
CA HIS A 115 14.96 19.72 18.04
C HIS A 115 13.70 18.88 18.10
N ARG A 116 13.82 17.65 18.58
CA ARG A 116 12.67 16.80 18.78
C ARG A 116 11.91 16.57 17.49
N TYR A 117 12.65 16.20 16.46
CA TYR A 117 12.07 15.83 15.18
C TYR A 117 11.50 14.42 15.24
N VAL A 118 10.39 14.20 14.55
CA VAL A 118 10.01 12.87 14.20
C VAL A 118 10.41 12.70 12.74
N VAL A 119 10.85 11.51 12.39
CA VAL A 119 11.30 11.30 11.04
C VAL A 119 10.45 10.29 10.31
N ALA A 120 9.92 10.73 9.18
CA ALA A 120 9.08 9.90 8.33
C ALA A 120 9.82 9.64 7.02
N SER A 121 10.23 8.39 6.81
CA SER A 121 11.14 8.05 5.71
C SER A 121 11.09 6.59 5.26
N GLN A 122 11.21 6.39 3.95
CA GLN A 122 11.26 5.06 3.36
C GLN A 122 12.69 4.52 3.26
N ASP A 123 13.64 5.22 3.86
CA ASP A 123 15.04 4.83 3.72
C ASP A 123 15.48 4.04 4.95
N ILE A 124 15.39 2.72 4.84
CA ILE A 124 15.67 1.83 5.95
C ILE A 124 17.04 2.07 6.57
N ASP A 125 17.99 2.47 5.74
CA ASP A 125 19.34 2.73 6.23
C ASP A 125 19.37 3.97 7.09
N LEU A 126 18.66 4.99 6.67
CA LEU A 126 18.54 6.21 7.46
C LEU A 126 17.80 5.91 8.76
N ARG A 127 16.69 5.18 8.65
CA ARG A 127 15.99 4.72 9.83
C ARG A 127 16.90 3.97 10.81
N ARG A 128 17.68 3.02 10.33
CA ARG A 128 18.54 2.26 11.24
C ARG A 128 19.57 3.15 11.93
N LYS A 129 20.11 4.14 11.21
CA LYS A 129 21.15 4.99 11.76
C LYS A 129 20.59 5.90 12.83
N LEU A 130 19.28 6.17 12.73
CA LEU A 130 18.62 7.10 13.63
C LEU A 130 18.12 6.44 14.91
N ARG A 131 17.79 5.16 14.87
CA ARG A 131 17.39 4.46 16.09
C ARG A 131 18.50 4.55 17.13
N THR A 132 19.73 4.74 16.67
CA THR A 132 20.84 5.01 17.58
C THR A 132 20.45 6.12 18.54
N VAL A 133 20.10 7.28 17.98
CA VAL A 133 19.74 8.46 18.76
C VAL A 133 18.49 8.21 19.61
N PRO A 134 18.61 8.46 20.91
CA PRO A 134 17.45 8.30 21.80
C PRO A 134 16.36 9.29 21.43
N GLY A 135 15.11 8.83 21.42
CA GLY A 135 14.02 9.78 21.29
C GLY A 135 13.79 10.36 19.90
N VAL A 136 13.84 9.52 18.88
CA VAL A 136 13.37 9.95 17.58
C VAL A 136 12.32 8.99 17.06
N PRO A 137 11.08 9.46 17.02
CA PRO A 137 9.96 8.72 16.43
C PRO A 137 10.23 8.48 14.95
N LEU A 138 9.96 7.28 14.48
CA LEU A 138 10.16 6.94 13.09
C LEU A 138 8.88 6.41 12.44
N ILE A 139 8.63 6.88 11.24
CA ILE A 139 7.40 6.55 10.53
C ILE A 139 7.74 6.22 9.09
N HIS A 140 6.94 5.34 8.48
CA HIS A 140 7.16 4.91 7.09
C HIS A 140 5.91 4.25 6.52
N LEU A 141 5.88 4.11 5.20
CA LEU A 141 4.75 3.55 4.47
C LEU A 141 5.01 2.11 4.06
N THR A 142 4.05 1.24 4.32
CA THR A 142 4.05 -0.12 3.78
C THR A 142 3.57 -0.08 2.33
N ARG A 143 4.13 -0.96 1.49
CA ARG A 143 3.69 -1.05 0.10
C ARG A 143 2.36 -1.81 0.03
N SER A 144 1.40 -1.26 -0.73
CA SER A 144 0.18 -2.00 -0.98
C SER A 144 0.56 -3.23 -1.77
N VAL A 145 -0.01 -4.36 -1.39
CA VAL A 145 0.39 -5.64 -1.95
C VAL A 145 -0.80 -6.45 -2.42
N MET A 146 -0.60 -7.14 -3.55
CA MET A 146 -1.57 -8.10 -4.05
C MET A 146 -1.48 -9.46 -3.37
N VAL A 147 -2.61 -9.94 -2.88
CA VAL A 147 -2.66 -11.13 -2.06
C VAL A 147 -3.69 -12.14 -2.58
N MET A 148 -3.43 -13.42 -2.34
CA MET A 148 -4.42 -14.43 -2.59
C MET A 148 -4.93 -14.95 -1.26
N GLU A 149 -6.25 -14.98 -1.08
CA GLU A 149 -6.84 -15.53 0.12
C GLU A 149 -6.36 -16.95 0.31
N PRO A 150 -6.27 -17.39 1.56
CA PRO A 150 -5.96 -18.79 1.84
C PRO A 150 -7.09 -19.69 1.36
N LEU A 151 -6.72 -20.92 1.03
CA LEU A 151 -7.64 -21.91 0.52
C LEU A 151 -8.92 -21.94 1.35
N SER A 152 -10.08 -21.94 0.69
CA SER A 152 -11.34 -21.98 1.41
C SER A 152 -11.66 -23.38 1.93
N THR A 153 -12.54 -23.46 2.92
CA THR A 153 -12.90 -24.74 3.49
C THR A 153 -13.61 -25.57 2.42
N ALA A 154 -14.48 -24.90 1.66
CA ALA A 154 -15.24 -25.59 0.62
C ALA A 154 -14.28 -26.22 -0.39
N SER A 155 -13.16 -25.55 -0.65
CA SER A 155 -12.11 -26.11 -1.50
C SER A 155 -11.43 -27.31 -0.83
N ALA A 156 -10.96 -27.11 0.41
CA ALA A 156 -10.30 -28.17 1.17
C ALA A 156 -11.15 -29.44 1.30
N LYS A 157 -12.43 -29.25 1.59
CA LYS A 157 -13.36 -30.36 1.78
C LYS A 157 -13.46 -31.27 0.54
N ALA A 158 -13.38 -30.67 -0.65
CA ALA A 158 -13.54 -31.42 -1.89
C ALA A 158 -12.24 -32.11 -2.36
N SER A 159 -11.12 -31.70 -1.76
CA SER A 159 -9.79 -32.20 -2.12
C SER A 159 -9.82 -33.56 -2.82
N GLN B 3 8.27 -13.63 -2.37
CA GLN B 3 9.09 -14.83 -2.34
C GLN B 3 8.51 -15.88 -1.41
N LYS B 4 8.29 -15.47 -0.17
CA LYS B 4 7.72 -16.28 0.89
C LYS B 4 6.27 -16.65 0.58
N ARG B 5 5.52 -15.67 0.08
CA ARG B 5 4.14 -15.90 -0.28
C ARG B 5 4.09 -16.80 -1.51
N ALA B 6 4.98 -16.53 -2.47
CA ALA B 6 5.06 -17.34 -3.67
C ALA B 6 5.14 -18.81 -3.29
N LYS B 7 5.71 -19.08 -2.12
CA LYS B 7 5.84 -20.43 -1.63
C LYS B 7 4.49 -20.98 -1.16
N SER B 8 3.79 -20.20 -0.34
CA SER B 8 2.51 -20.64 0.19
C SER B 8 1.47 -20.75 -0.93
N TYR B 9 1.63 -19.90 -1.94
CA TYR B 9 0.72 -19.86 -3.06
C TYR B 9 0.95 -21.05 -3.96
N ARG B 10 2.22 -21.30 -4.25
CA ARG B 10 2.62 -22.47 -5.01
C ARG B 10 1.87 -23.70 -4.52
N LYS B 11 1.76 -23.84 -3.19
CA LYS B 11 1.07 -24.98 -2.61
C LYS B 11 -0.43 -24.92 -2.83
N GLN B 12 -0.99 -23.71 -2.79
CA GLN B 12 -2.42 -23.53 -2.95
C GLN B 12 -2.85 -23.78 -4.40
N LEU B 13 -2.11 -23.24 -5.36
CA LEU B 13 -2.41 -23.42 -6.77
C LEU B 13 -2.51 -24.89 -7.13
N LEU B 14 -1.67 -25.69 -6.48
CA LEU B 14 -1.61 -27.11 -6.73
C LEU B 14 -2.97 -27.76 -6.59
N VAL B 15 -3.72 -27.37 -5.56
CA VAL B 15 -4.97 -28.04 -5.34
C VAL B 15 -5.99 -27.62 -6.38
N TYR B 16 -5.88 -26.40 -6.89
CA TYR B 16 -6.81 -25.94 -7.93
C TYR B 16 -6.52 -26.70 -9.20
N SER B 17 -5.24 -26.97 -9.43
CA SER B 17 -4.89 -27.73 -10.62
C SER B 17 -5.27 -29.20 -10.45
N HIS B 18 -4.91 -29.81 -9.33
CA HIS B 18 -5.27 -31.20 -9.18
C HIS B 18 -6.76 -31.40 -8.92
N THR B 19 -7.23 -30.99 -7.76
CA THR B 19 -8.59 -31.39 -7.43
C THR B 19 -9.65 -30.63 -8.26
N PHE B 20 -9.24 -29.56 -8.94
CA PHE B 20 -10.21 -28.75 -9.68
C PHE B 20 -9.98 -28.60 -11.18
N LYS B 21 -8.91 -29.19 -11.68
CA LYS B 21 -8.69 -29.19 -13.13
C LYS B 21 -8.33 -27.84 -13.76
N PHE B 22 -7.81 -26.91 -12.95
CA PHE B 22 -7.35 -25.60 -13.45
C PHE B 22 -6.08 -25.77 -14.29
N ARG B 23 -6.02 -25.08 -15.43
CA ARG B 23 -4.85 -25.10 -16.30
C ARG B 23 -4.52 -23.70 -16.83
N GLU B 24 -3.22 -23.44 -16.99
CA GLU B 24 -2.74 -22.19 -17.56
C GLU B 24 -3.41 -22.03 -18.90
N PRO B 25 -3.78 -20.80 -19.27
CA PRO B 25 -3.62 -19.60 -18.46
C PRO B 25 -4.82 -19.43 -17.57
N TYR B 26 -4.59 -19.01 -16.33
CA TYR B 26 -5.68 -18.73 -15.43
C TYR B 26 -6.60 -17.67 -16.02
N GLN B 27 -7.89 -17.83 -15.77
CA GLN B 27 -8.88 -16.85 -16.22
C GLN B 27 -9.26 -15.99 -15.06
N VAL B 28 -8.91 -14.72 -15.09
CA VAL B 28 -9.24 -13.94 -13.93
C VAL B 28 -10.17 -12.78 -14.23
N LEU B 29 -11.31 -12.78 -13.54
CA LEU B 29 -12.28 -11.70 -13.60
C LEU B 29 -11.84 -10.65 -12.63
N VAL B 30 -11.70 -9.43 -13.13
CA VAL B 30 -11.28 -8.33 -12.31
C VAL B 30 -12.51 -7.47 -12.15
N ASP B 31 -12.81 -7.05 -10.93
CA ASP B 31 -14.01 -6.26 -10.70
C ASP B 31 -13.73 -4.75 -10.80
N ASN B 32 -14.76 -3.92 -10.71
CA ASN B 32 -14.56 -2.51 -10.97
C ASN B 32 -13.77 -1.84 -9.86
N GLN B 33 -14.09 -2.17 -8.62
CA GLN B 33 -13.39 -1.59 -7.48
C GLN B 33 -11.89 -1.83 -7.58
N LEU B 34 -11.50 -3.07 -7.88
CA LEU B 34 -10.10 -3.39 -8.01
C LEU B 34 -9.47 -2.54 -9.10
N VAL B 35 -10.20 -2.33 -10.18
CA VAL B 35 -9.65 -1.56 -11.27
C VAL B 35 -9.38 -0.10 -10.88
N LEU B 36 -10.39 0.55 -10.29
CA LEU B 36 -10.25 1.90 -9.77
C LEU B 36 -9.01 1.93 -8.89
N GLU B 37 -9.10 1.15 -7.83
CA GLU B 37 -8.04 1.04 -6.85
C GLU B 37 -6.65 0.97 -7.47
N CYS B 38 -6.44 0.03 -8.40
CA CYS B 38 -5.12 -0.17 -8.96
C CYS B 38 -4.71 1.00 -9.79
N ASN B 39 -5.71 1.73 -10.27
CA ASN B 39 -5.43 2.84 -11.15
C ASN B 39 -4.98 4.04 -10.33
N ASN B 40 -5.78 4.42 -9.34
CA ASN B 40 -5.44 5.61 -8.58
C ASN B 40 -4.37 5.37 -7.51
N SER B 41 -3.75 4.19 -7.53
CA SER B 41 -2.59 3.92 -6.68
C SER B 41 -1.43 3.35 -7.52
N ASN B 42 -1.64 3.28 -8.82
CA ASN B 42 -0.57 2.96 -9.76
C ASN B 42 -0.05 1.54 -9.71
N PHE B 43 -0.92 0.63 -9.30
CA PHE B 43 -0.56 -0.77 -9.17
C PHE B 43 -0.79 -1.46 -10.51
N ASN B 44 0.28 -2.04 -11.03
CA ASN B 44 0.22 -2.82 -12.27
C ASN B 44 -0.59 -4.10 -12.04
N LEU B 45 -1.87 -4.03 -12.37
CA LEU B 45 -2.81 -5.13 -12.16
C LEU B 45 -2.42 -6.36 -12.96
N PRO B 46 -2.18 -6.20 -14.26
CA PRO B 46 -1.73 -7.35 -15.05
C PRO B 46 -0.54 -8.07 -14.44
N SER B 47 0.57 -7.37 -14.24
CA SER B 47 1.79 -8.03 -13.78
C SER B 47 1.57 -8.57 -12.38
N GLY B 48 0.78 -7.86 -11.59
CA GLY B 48 0.40 -8.30 -10.27
C GLY B 48 -0.23 -9.67 -10.24
N LEU B 49 -1.14 -9.94 -11.18
CA LEU B 49 -1.76 -11.25 -11.28
C LEU B 49 -0.81 -12.33 -11.81
N LYS B 50 0.01 -12.00 -12.80
CA LYS B 50 0.95 -13.01 -13.32
C LYS B 50 1.95 -13.36 -12.22
N ARG B 51 2.27 -12.38 -11.39
CA ARG B 51 3.19 -12.56 -10.28
C ARG B 51 2.58 -13.54 -9.28
N THR B 52 1.35 -13.28 -8.87
CA THR B 52 0.79 -14.07 -7.79
C THR B 52 0.31 -15.43 -8.26
N LEU B 53 -0.07 -15.53 -9.51
CA LEU B 53 -0.58 -16.80 -10.05
C LEU B 53 0.56 -17.62 -10.64
N GLN B 54 1.67 -16.94 -10.93
CA GLN B 54 2.90 -17.62 -11.32
C GLN B 54 2.68 -18.46 -12.57
N ALA B 55 1.97 -17.88 -13.53
CA ALA B 55 1.60 -18.55 -14.77
C ALA B 55 0.93 -17.54 -15.68
N ASP B 56 0.85 -17.84 -16.97
CA ASP B 56 0.08 -17.00 -17.91
C ASP B 56 -1.32 -16.74 -17.35
N VAL B 57 -1.79 -15.50 -17.43
CA VAL B 57 -3.15 -15.21 -17.03
C VAL B 57 -3.86 -14.44 -18.09
N LYS B 58 -5.12 -14.78 -18.28
CA LYS B 58 -5.96 -14.06 -19.19
C LYS B 58 -6.76 -13.17 -18.27
N VAL B 59 -6.55 -11.87 -18.33
CA VAL B 59 -7.29 -11.01 -17.42
C VAL B 59 -8.47 -10.34 -18.12
N MET B 60 -9.64 -10.49 -17.51
CA MET B 60 -10.90 -10.12 -18.14
C MET B 60 -11.72 -9.26 -17.21
N ILE B 61 -12.76 -8.63 -17.77
CA ILE B 61 -13.73 -7.89 -16.99
C ILE B 61 -15.12 -8.01 -17.59
N THR B 62 -16.11 -8.30 -16.77
CA THR B 62 -17.46 -8.42 -17.31
C THR B 62 -17.94 -7.09 -17.84
N GLN B 63 -18.96 -7.15 -18.68
CA GLN B 63 -19.53 -5.96 -19.26
C GLN B 63 -20.20 -5.11 -18.18
N CYS B 64 -20.85 -5.76 -17.22
CA CYS B 64 -21.42 -5.04 -16.07
C CYS B 64 -20.35 -4.30 -15.25
N CYS B 65 -19.18 -4.90 -15.06
CA CYS B 65 -18.18 -4.23 -14.25
C CYS B 65 -17.69 -3.01 -14.99
N ILE B 66 -17.48 -3.15 -16.29
CA ILE B 66 -16.84 -2.09 -17.04
C ILE B 66 -17.83 -0.97 -17.31
N GLN B 67 -19.11 -1.34 -17.36
CA GLN B 67 -20.19 -0.36 -17.50
C GLN B 67 -20.20 0.53 -16.28
N ALA B 68 -20.30 -0.11 -15.11
CA ALA B 68 -20.16 0.59 -13.83
C ALA B 68 -18.94 1.51 -13.84
N LEU B 69 -17.80 1.01 -14.28
CA LEU B 69 -16.65 1.89 -14.41
C LEU B 69 -17.03 3.07 -15.27
N TYR B 70 -17.68 2.80 -16.40
CA TYR B 70 -18.04 3.85 -17.36
C TYR B 70 -18.74 4.99 -16.63
N GLU B 71 -19.63 4.64 -15.70
CA GLU B 71 -20.46 5.62 -15.04
C GLU B 71 -19.66 6.51 -14.10
N THR B 72 -18.47 6.07 -13.73
CA THR B 72 -17.66 6.87 -12.83
C THR B 72 -17.03 7.97 -13.64
N ARG B 73 -17.13 7.83 -14.95
CA ARG B 73 -16.36 8.67 -15.86
C ARG B 73 -14.93 8.84 -15.38
N ASN B 74 -14.47 7.98 -14.46
CA ASN B 74 -13.05 8.01 -14.09
C ASN B 74 -12.20 7.65 -15.29
N ASP B 75 -11.97 8.62 -16.17
CA ASP B 75 -11.35 8.31 -17.45
C ASP B 75 -10.07 7.45 -17.36
N GLY B 76 -9.44 7.40 -16.20
CA GLY B 76 -8.19 6.66 -16.07
C GLY B 76 -8.37 5.18 -15.79
N ALA B 77 -9.36 4.87 -14.98
CA ALA B 77 -9.71 3.50 -14.72
C ALA B 77 -10.22 2.86 -16.04
N ILE B 78 -11.23 3.50 -16.64
CA ILE B 78 -11.80 3.08 -17.92
C ILE B 78 -10.79 2.58 -18.98
N ASN B 79 -9.84 3.43 -19.37
CA ASN B 79 -8.84 3.03 -20.36
C ASN B 79 -8.12 1.76 -19.96
N LEU B 80 -7.99 1.55 -18.66
CA LEU B 80 -7.25 0.39 -18.20
C LEU B 80 -8.09 -0.85 -18.47
N ALA B 81 -9.29 -0.84 -17.91
CA ALA B 81 -10.25 -1.90 -18.15
C ALA B 81 -10.27 -2.33 -19.61
N LYS B 82 -10.11 -1.38 -20.52
CA LYS B 82 -10.24 -1.66 -21.95
C LYS B 82 -9.11 -2.50 -22.53
N GLN B 83 -7.99 -2.54 -21.83
CA GLN B 83 -6.88 -3.33 -22.31
C GLN B 83 -7.19 -4.78 -22.01
N PHE B 84 -8.03 -5.00 -21.01
CA PHE B 84 -8.45 -6.34 -20.67
C PHE B 84 -9.42 -6.93 -21.68
N GLU B 85 -9.54 -8.25 -21.67
CA GLU B 85 -10.46 -8.92 -22.55
C GLU B 85 -11.86 -8.89 -21.91
N ARG B 86 -12.86 -8.57 -22.72
CA ARG B 86 -14.22 -8.44 -22.20
C ARG B 86 -14.83 -9.81 -22.03
N ARG B 87 -15.44 -10.09 -20.88
CA ARG B 87 -16.32 -11.24 -20.81
C ARG B 87 -17.73 -10.80 -21.08
N ARG B 88 -18.24 -11.20 -22.23
CA ARG B 88 -19.60 -10.87 -22.63
C ARG B 88 -20.64 -11.63 -21.81
N CYS B 89 -21.05 -11.06 -20.69
CA CYS B 89 -22.14 -11.61 -19.91
C CYS B 89 -23.43 -11.25 -20.60
N ASN B 90 -24.46 -12.08 -20.45
CA ASN B 90 -25.72 -11.78 -21.12
C ASN B 90 -26.65 -11.03 -20.19
N HIS B 91 -26.31 -9.79 -19.88
CA HIS B 91 -27.04 -9.05 -18.85
C HIS B 91 -27.71 -7.78 -19.35
N SER B 92 -29.04 -7.78 -19.28
CA SER B 92 -29.91 -6.61 -19.52
C SER B 92 -29.59 -5.88 -20.83
N LYS B 97 -26.89 -5.58 -14.31
CA LYS B 97 -26.93 -5.74 -12.85
C LYS B 97 -25.71 -5.17 -12.15
N SER B 98 -25.69 -5.26 -10.82
CA SER B 98 -24.55 -4.71 -10.10
C SER B 98 -23.35 -5.57 -10.44
N PRO B 99 -22.15 -4.96 -10.44
CA PRO B 99 -20.90 -5.69 -10.64
C PRO B 99 -20.86 -6.96 -9.81
N ALA B 100 -21.17 -6.81 -8.52
CA ALA B 100 -21.15 -7.94 -7.59
C ALA B 100 -21.99 -9.10 -8.08
N GLU B 101 -23.25 -8.86 -8.36
CA GLU B 101 -24.11 -9.96 -8.76
C GLU B 101 -23.71 -10.54 -10.10
N CYS B 102 -23.10 -9.69 -10.93
CA CYS B 102 -22.73 -10.10 -12.26
C CYS B 102 -21.68 -11.20 -12.14
N ILE B 103 -20.60 -10.85 -11.45
CA ILE B 103 -19.55 -11.79 -11.22
C ILE B 103 -20.07 -13.06 -10.52
N GLU B 104 -20.84 -12.88 -9.47
CA GLU B 104 -21.41 -14.04 -8.81
C GLU B 104 -22.17 -14.98 -9.76
N SER B 105 -22.95 -14.43 -10.69
CA SER B 105 -23.80 -15.30 -11.51
C SER B 105 -23.01 -15.95 -12.63
N VAL B 106 -21.90 -15.30 -12.98
CA VAL B 106 -20.95 -15.81 -13.97
C VAL B 106 -20.01 -16.86 -13.38
N VAL B 107 -19.60 -16.68 -12.13
CA VAL B 107 -18.71 -17.64 -11.47
C VAL B 107 -19.48 -18.80 -10.84
N ASN B 108 -20.64 -18.51 -10.26
CA ASN B 108 -21.39 -19.52 -9.51
C ASN B 108 -22.50 -20.15 -10.34
N ILE B 109 -22.21 -21.27 -10.97
CA ILE B 109 -23.24 -22.01 -11.68
C ILE B 109 -23.61 -23.26 -10.88
N SER B 110 -24.70 -23.13 -10.11
CA SER B 110 -25.22 -24.25 -9.31
C SER B 110 -24.18 -24.67 -8.29
N GLY B 111 -23.56 -23.68 -7.67
CA GLY B 111 -22.65 -23.91 -6.56
C GLY B 111 -21.33 -24.46 -7.04
N ALA B 112 -21.11 -24.44 -8.35
CA ALA B 112 -19.84 -24.89 -8.93
C ALA B 112 -19.19 -23.78 -9.75
N ASN B 113 -17.86 -23.73 -9.70
CA ASN B 113 -17.11 -22.83 -10.57
C ASN B 113 -16.86 -23.55 -11.86
N LYS B 114 -17.92 -23.66 -12.65
CA LYS B 114 -17.90 -24.47 -13.86
C LYS B 114 -16.83 -24.03 -14.82
N HIS B 115 -16.62 -22.73 -14.93
CA HIS B 115 -15.68 -22.19 -15.89
C HIS B 115 -14.28 -21.90 -15.34
N ARG B 116 -14.06 -22.27 -14.08
CA ARG B 116 -12.76 -22.15 -13.43
C ARG B 116 -12.19 -20.75 -13.51
N TYR B 117 -12.96 -19.78 -13.04
CA TYR B 117 -12.49 -18.41 -12.95
C TYR B 117 -11.69 -18.22 -11.68
N VAL B 118 -10.76 -17.29 -11.69
CA VAL B 118 -10.34 -16.71 -10.42
C VAL B 118 -10.91 -15.32 -10.38
N VAL B 119 -11.21 -14.85 -9.18
CA VAL B 119 -11.80 -13.55 -9.04
C VAL B 119 -10.94 -12.63 -8.23
N ALA B 120 -10.64 -11.48 -8.80
CA ALA B 120 -9.90 -10.45 -8.10
C ALA B 120 -10.88 -9.33 -7.83
N SER B 121 -11.21 -9.12 -6.56
CA SER B 121 -12.18 -8.11 -6.18
C SER B 121 -11.78 -7.43 -4.89
N GLN B 122 -12.18 -6.17 -4.73
CA GLN B 122 -11.99 -5.45 -3.47
C GLN B 122 -13.27 -5.48 -2.64
N ASP B 123 -14.24 -6.24 -3.10
CA ASP B 123 -15.53 -6.27 -2.46
C ASP B 123 -15.58 -7.46 -1.50
N ILE B 124 -15.23 -7.19 -0.24
CA ILE B 124 -15.09 -8.27 0.73
C ILE B 124 -16.44 -9.00 0.92
N ASP B 125 -17.52 -8.33 0.53
CA ASP B 125 -18.85 -8.93 0.54
C ASP B 125 -19.03 -9.94 -0.58
N LEU B 126 -18.46 -9.64 -1.74
CA LEU B 126 -18.56 -10.53 -2.88
C LEU B 126 -17.65 -11.75 -2.66
N ARG B 127 -16.48 -11.50 -2.08
CA ARG B 127 -15.56 -12.59 -1.75
C ARG B 127 -16.20 -13.56 -0.78
N ARG B 128 -16.76 -13.05 0.31
CA ARG B 128 -17.36 -13.93 1.31
C ARG B 128 -18.32 -14.88 0.65
N LYS B 129 -19.13 -14.39 -0.28
CA LYS B 129 -20.17 -15.28 -0.78
C LYS B 129 -19.67 -16.16 -1.91
N LEU B 130 -18.44 -15.92 -2.34
CA LEU B 130 -17.81 -16.76 -3.35
C LEU B 130 -17.04 -17.91 -2.70
N ARG B 131 -16.52 -17.69 -1.50
CA ARG B 131 -15.82 -18.75 -0.75
C ARG B 131 -16.72 -19.95 -0.59
N THR B 132 -18.01 -19.69 -0.54
CA THR B 132 -18.99 -20.75 -0.46
C THR B 132 -18.79 -21.75 -1.59
N VAL B 133 -18.61 -21.24 -2.80
CA VAL B 133 -18.39 -22.08 -3.96
C VAL B 133 -17.00 -22.71 -3.97
N PRO B 134 -16.94 -24.04 -4.07
CA PRO B 134 -15.66 -24.75 -3.99
C PRO B 134 -14.80 -24.44 -5.22
N GLY B 135 -13.50 -24.18 -5.01
CA GLY B 135 -12.61 -24.02 -6.14
C GLY B 135 -12.62 -22.66 -6.83
N VAL B 136 -12.63 -21.60 -6.04
CA VAL B 136 -12.59 -20.24 -6.56
C VAL B 136 -11.44 -19.46 -5.97
N PRO B 137 -10.31 -19.40 -6.68
CA PRO B 137 -9.22 -18.60 -6.13
C PRO B 137 -9.69 -17.16 -6.00
N LEU B 138 -9.29 -16.52 -4.90
CA LEU B 138 -9.68 -15.15 -4.61
C LEU B 138 -8.46 -14.25 -4.36
N ILE B 139 -8.42 -13.15 -5.08
CA ILE B 139 -7.30 -12.23 -5.01
C ILE B 139 -7.79 -10.84 -4.65
N HIS B 140 -6.97 -10.08 -3.95
CA HIS B 140 -7.29 -8.70 -3.66
C HIS B 140 -6.06 -7.91 -3.24
N LEU B 141 -6.20 -6.60 -3.21
CA LEU B 141 -5.09 -5.70 -2.90
C LEU B 141 -5.20 -5.21 -1.47
N THR B 142 -4.16 -5.46 -0.66
CA THR B 142 -4.08 -4.86 0.68
C THR B 142 -3.60 -3.44 0.53
N ARG B 143 -4.34 -2.52 1.14
CA ARG B 143 -4.04 -1.10 1.02
C ARG B 143 -2.79 -0.64 1.80
N SER B 144 -2.18 0.44 1.32
CA SER B 144 -1.02 1.03 2.00
C SER B 144 -1.39 1.59 3.35
N VAL B 145 -0.54 1.33 4.34
CA VAL B 145 -0.77 1.95 5.64
C VAL B 145 0.48 2.58 6.22
N MET B 146 0.27 3.62 7.00
CA MET B 146 1.35 4.34 7.64
C MET B 146 1.62 3.76 9.03
N VAL B 147 2.87 3.44 9.27
CA VAL B 147 3.28 2.75 10.48
C VAL B 147 4.25 3.60 11.32
N MET B 148 4.26 3.39 12.62
CA MET B 148 5.33 3.96 13.42
C MET B 148 6.13 2.77 13.94
N GLU B 149 7.45 2.85 13.81
CA GLU B 149 8.32 1.81 14.33
C GLU B 149 8.09 1.69 15.80
N PRO B 150 8.25 0.49 16.35
CA PRO B 150 8.21 0.30 17.80
C PRO B 150 9.34 1.10 18.46
N LEU B 151 9.18 1.37 19.75
CA LEU B 151 10.12 2.23 20.45
C LEU B 151 11.53 1.66 20.39
N SER B 152 12.50 2.50 20.08
CA SER B 152 13.88 2.04 19.96
C SER B 152 14.40 1.64 21.33
N THR B 153 15.46 0.84 21.36
CA THR B 153 16.04 0.45 22.63
C THR B 153 16.73 1.66 23.29
N ALA B 154 17.28 2.57 22.48
CA ALA B 154 17.90 3.77 23.03
C ALA B 154 16.86 4.68 23.68
N SER B 155 15.69 4.77 23.07
CA SER B 155 14.55 5.47 23.67
C SER B 155 14.21 4.79 25.00
N ALA B 156 14.15 3.47 24.97
CA ALA B 156 13.88 2.64 26.15
C ALA B 156 14.82 2.94 27.34
N LYS B 157 16.11 3.03 27.06
CA LYS B 157 17.12 3.19 28.13
C LYS B 157 17.19 4.61 28.70
N ALA B 158 16.32 5.50 28.24
CA ALA B 158 16.24 6.83 28.81
C ALA B 158 15.06 6.92 29.77
N SER B 159 14.16 5.94 29.64
CA SER B 159 13.11 5.67 30.63
C SER B 159 12.49 6.89 31.29
#